data_4BX2
#
_entry.id   4BX2
#
_cell.length_a   166.830
_cell.length_b   166.830
_cell.length_c   166.830
_cell.angle_alpha   90.00
_cell.angle_beta   90.00
_cell.angle_gamma   90.00
#
_symmetry.space_group_name_H-M   'I 2 3'
#
loop_
_entity.id
_entity.type
_entity.pdbx_description
1 polymer 'PYRIDOXAL PHOSPHATE PHOSPHATASE'
2 non-polymer 'MAGNESIUM ION'
3 non-polymer 'BERYLLIUM TRIFLUORIDE ION'
4 non-polymer GLYCEROL
5 water water
#
_entity_poly.entity_id   1
_entity_poly.type   'polypeptide(L)'
_entity_poly.pdbx_seq_one_letter_code
;GMARCERLRGAALRDVLGQAQGVLFDCDGVLWNGERIVPGAPELLQRLARAGKNTLFVSNNSRRARPELALRFARLGFAG
LRAEQLFSSALCAARLLRQRLPGPPDASGAVFVLGGEGLRAELRAAGLRLAGDPGEDPRVRAVLVGYDEQFSFSRLTEAC
AHLRDPDCLLVATDRDPWHPLSDGSRTPGTGSLAAAVETASGRQALVVGKPSPYMFQCITEDFSVDPARTLMVGDRLETD
ILFGHRCGMTTVLTLTGVSSLEEAQAYLTAGQRDLVPHYYVESIADLMEGLED
;
_entity_poly.pdbx_strand_id   A,B
#
loop_
_chem_comp.id
_chem_comp.type
_chem_comp.name
_chem_comp.formula
BEF non-polymer 'BERYLLIUM TRIFLUORIDE ION' 'Be F3 -1'
GOL non-polymer GLYCEROL 'C3 H8 O3'
MG non-polymer 'MAGNESIUM ION' 'Mg 2'
#
# COMPACT_ATOMS: atom_id res chain seq x y z
N GLY A 1 3.96 -9.95 33.82
CA GLY A 1 4.54 -8.65 33.37
C GLY A 1 3.70 -8.02 32.28
N MET A 2 2.57 -7.40 32.67
CA MET A 2 1.78 -6.54 31.76
C MET A 2 2.26 -5.08 31.76
N ALA A 3 2.70 -4.60 30.62
CA ALA A 3 3.37 -3.32 30.53
C ALA A 3 2.58 -2.16 31.19
N ARG A 4 3.26 -1.36 31.98
CA ARG A 4 2.66 -0.19 32.62
C ARG A 4 3.36 1.09 32.21
N CYS A 5 4.29 1.00 31.27
CA CYS A 5 4.99 2.18 30.77
C CYS A 5 5.61 2.98 31.93
N GLU A 6 6.36 2.33 32.82
CA GLU A 6 6.95 3.11 33.87
C GLU A 6 8.38 3.53 33.56
N ARG A 7 8.73 4.64 34.17
CA ARG A 7 10.01 5.24 33.97
C ARG A 7 11.04 4.35 34.61
N LEU A 8 11.97 3.86 33.80
CA LEU A 8 12.98 2.97 34.34
C LEU A 8 14.13 3.75 34.97
N ARG A 9 14.17 3.78 36.30
CA ARG A 9 15.20 4.49 37.03
C ARG A 9 15.33 3.86 38.42
N GLY A 10 16.36 4.28 39.17
CA GLY A 10 16.51 3.86 40.57
C GLY A 10 16.57 2.35 40.69
N ALA A 11 15.93 1.82 41.72
CA ALA A 11 15.99 0.39 42.00
C ALA A 11 15.47 -0.49 40.82
N ALA A 12 14.36 -0.08 40.22
CA ALA A 12 13.81 -0.81 39.08
C ALA A 12 14.86 -1.00 37.99
N LEU A 13 15.62 0.05 37.70
CA LEU A 13 16.69 -0.01 36.69
C LEU A 13 17.80 -0.99 37.06
N ARG A 14 18.20 -0.98 38.33
CA ARG A 14 19.25 -1.90 38.85
C ARG A 14 18.75 -3.36 38.80
N ASP A 15 17.49 -3.55 39.11
CA ASP A 15 16.93 -4.89 39.12
C ASP A 15 16.78 -5.44 37.73
N VAL A 16 16.19 -4.66 36.85
CA VAL A 16 15.94 -5.11 35.50
C VAL A 16 17.26 -5.46 34.83
N LEU A 17 18.27 -4.61 35.00
CA LEU A 17 19.55 -4.84 34.33
C LEU A 17 20.22 -6.03 34.94
N GLY A 18 20.13 -6.16 36.26
CA GLY A 18 20.79 -7.23 36.97
C GLY A 18 20.28 -8.59 36.55
N GLN A 19 18.96 -8.76 36.47
CA GLN A 19 18.41 -10.01 36.00
C GLN A 19 18.76 -10.26 34.51
N ALA A 20 19.08 -9.22 33.74
CA ALA A 20 19.22 -9.42 32.27
C ALA A 20 20.53 -10.12 31.85
N GLN A 21 20.42 -11.09 30.96
CA GLN A 21 21.61 -11.65 30.30
C GLN A 21 22.06 -10.72 29.21
N GLY A 22 21.11 -10.09 28.54
CA GLY A 22 21.48 -9.23 27.43
C GLY A 22 20.45 -8.21 27.00
N VAL A 23 20.91 -7.27 26.18
CA VAL A 23 20.11 -6.21 25.65
C VAL A 23 20.18 -6.26 24.11
N LEU A 24 19.04 -6.32 23.48
CA LEU A 24 18.87 -6.17 22.06
C LEU A 24 18.55 -4.71 21.74
N PHE A 25 19.36 -4.05 20.94
CA PHE A 25 19.14 -2.61 20.63
C PHE A 25 18.67 -2.44 19.21
N ASP A 26 17.55 -1.77 19.04
CA ASP A 26 17.24 -1.22 17.74
C ASP A 26 18.33 -0.10 17.50
N CYS A 27 18.59 0.29 16.26
CA CYS A 27 19.69 1.27 16.02
C CYS A 27 19.24 2.70 15.73
N ASP A 28 18.50 2.92 14.64
CA ASP A 28 18.07 4.27 14.32
C ASP A 28 17.11 4.82 15.34
N GLY A 29 17.32 6.09 15.72
CA GLY A 29 16.51 6.74 16.73
C GLY A 29 16.88 6.35 18.16
N VAL A 30 17.84 5.41 18.32
CA VAL A 30 18.23 4.82 19.62
C VAL A 30 19.74 5.05 19.94
N LEU A 31 20.61 4.66 19.01
CA LEU A 31 22.04 4.87 19.20
C LEU A 31 22.45 6.19 18.56
N TRP A 32 21.63 6.62 17.61
CA TRP A 32 21.94 7.80 16.84
C TRP A 32 20.67 8.28 16.14
N ASN A 33 20.72 9.55 15.72
CA ASN A 33 19.77 10.15 14.81
C ASN A 33 20.54 10.73 13.66
N GLY A 34 20.46 10.12 12.49
CA GLY A 34 21.30 10.57 11.38
C GLY A 34 22.78 10.35 11.69
N GLU A 35 23.59 11.39 11.53
CA GLU A 35 25.03 11.34 11.79
C GLU A 35 25.37 11.78 13.22
N ARG A 36 24.37 11.99 14.05
CA ARG A 36 24.55 12.46 15.40
C ARG A 36 24.32 11.32 16.40
N ILE A 37 25.37 10.87 17.08
CA ILE A 37 25.13 9.83 18.09
C ILE A 37 24.26 10.37 19.23
N VAL A 38 23.56 9.46 19.89
CA VAL A 38 22.86 9.81 21.13
C VAL A 38 23.94 9.92 22.23
N PRO A 39 24.09 11.09 22.86
CA PRO A 39 25.18 11.24 23.85
C PRO A 39 25.14 10.14 24.88
N GLY A 40 26.28 9.51 25.16
CA GLY A 40 26.33 8.43 26.12
C GLY A 40 26.16 7.04 25.51
N ALA A 41 25.67 6.94 24.28
CA ALA A 41 25.43 5.61 23.71
C ALA A 41 26.69 4.73 23.62
N PRO A 42 27.80 5.28 23.11
CA PRO A 42 29.01 4.44 23.09
C PRO A 42 29.45 3.97 24.48
N GLU A 43 29.43 4.88 25.45
CA GLU A 43 29.83 4.51 26.81
C GLU A 43 28.90 3.43 27.36
N LEU A 44 27.61 3.55 27.09
CA LEU A 44 26.66 2.56 27.55
C LEU A 44 27.07 1.16 27.08
N LEU A 45 27.33 1.03 25.78
CA LEU A 45 27.68 -0.27 25.23
C LEU A 45 28.90 -0.84 25.91
N GLN A 46 29.88 0.02 26.22
CA GLN A 46 31.09 -0.41 26.91
C GLN A 46 30.79 -0.94 28.27
N ARG A 47 29.97 -0.19 28.98
CA ARG A 47 29.69 -0.53 30.36
C ARG A 47 28.87 -1.81 30.40
N LEU A 48 27.97 -2.00 29.43
CA LEU A 48 27.24 -3.26 29.30
C LEU A 48 28.21 -4.44 29.15
N ALA A 49 29.20 -4.29 28.26
CA ALA A 49 30.18 -5.36 28.04
C ALA A 49 30.91 -5.67 29.33
N ARG A 50 31.43 -4.65 30.00
CA ARG A 50 32.14 -4.85 31.27
C ARG A 50 31.27 -5.59 32.30
N ALA A 51 29.99 -5.23 32.37
CA ALA A 51 29.11 -5.91 33.30
C ALA A 51 28.77 -7.35 32.87
N GLY A 52 29.37 -7.84 31.78
CA GLY A 52 29.12 -9.18 31.30
C GLY A 52 27.74 -9.36 30.65
N LYS A 53 27.17 -8.29 30.17
CA LYS A 53 25.91 -8.38 29.44
C LYS A 53 26.10 -8.36 27.94
N ASN A 54 25.56 -9.39 27.31
CA ASN A 54 25.61 -9.53 25.85
C ASN A 54 24.79 -8.44 25.20
N THR A 55 25.25 -7.98 24.05
CA THR A 55 24.51 -7.04 23.24
C THR A 55 24.37 -7.55 21.81
N LEU A 56 23.21 -7.26 21.23
CA LEU A 56 22.92 -7.53 19.84
C LEU A 56 22.13 -6.34 19.27
N PHE A 57 22.08 -6.22 17.95
CA PHE A 57 21.57 -5.00 17.34
C PHE A 57 20.67 -5.43 16.20
N VAL A 58 19.48 -4.85 16.18
CA VAL A 58 18.51 -5.11 15.11
C VAL A 58 18.14 -3.78 14.47
N SER A 59 18.00 -3.77 13.16
CA SER A 59 17.56 -2.57 12.52
C SER A 59 16.69 -2.93 11.36
N ASN A 60 15.64 -2.13 11.10
CA ASN A 60 14.87 -2.38 9.88
C ASN A 60 15.47 -1.66 8.70
N ASN A 61 16.52 -0.88 8.94
CA ASN A 61 17.23 -0.16 7.86
C ASN A 61 17.83 -1.17 6.87
N SER A 62 17.40 -1.08 5.61
CA SER A 62 17.86 -1.98 4.58
C SER A 62 18.88 -1.33 3.68
N ARG A 63 19.49 -0.24 4.12
CA ARG A 63 20.41 0.48 3.23
C ARG A 63 21.88 0.04 3.31
N ARG A 64 22.30 -0.44 4.47
CA ARG A 64 23.70 -0.83 4.65
C ARG A 64 23.82 -2.33 4.83
N ALA A 65 24.63 -2.96 3.99
CA ALA A 65 24.97 -4.36 4.18
C ALA A 65 25.80 -4.42 5.46
N ARG A 66 25.92 -5.61 6.02
CA ARG A 66 26.57 -5.79 7.32
C ARG A 66 28.01 -5.20 7.45
N PRO A 67 28.89 -5.39 6.44
CA PRO A 67 30.21 -4.77 6.59
C PRO A 67 30.16 -3.24 6.74
N GLU A 68 29.37 -2.56 5.91
CA GLU A 68 29.28 -1.10 6.02
C GLU A 68 28.57 -0.70 7.29
N LEU A 69 27.62 -1.49 7.74
CA LEU A 69 26.95 -1.14 8.98
C LEU A 69 27.98 -1.24 10.12
N ALA A 70 28.84 -2.27 10.04
CA ALA A 70 29.87 -2.46 11.04
C ALA A 70 30.85 -1.28 11.01
N LEU A 71 31.24 -0.86 9.80
CA LEU A 71 32.11 0.32 9.66
C LEU A 71 31.40 1.57 10.25
N ARG A 72 30.09 1.69 10.05
CA ARG A 72 29.37 2.83 10.62
C ARG A 72 29.52 2.87 12.14
N PHE A 73 29.27 1.73 12.79
CA PHE A 73 29.42 1.68 14.22
C PHE A 73 30.80 2.18 14.62
N ALA A 74 31.85 1.63 13.98
CA ALA A 74 33.21 1.96 14.35
C ALA A 74 33.46 3.47 14.14
N ARG A 75 33.03 3.98 13.01
CA ARG A 75 33.28 5.38 12.68
C ARG A 75 32.64 6.34 13.69
N LEU A 76 31.43 6.04 14.15
CA LEU A 76 30.69 6.93 15.05
C LEU A 76 31.12 6.76 16.47
N GLY A 77 32.02 5.82 16.73
CA GLY A 77 32.62 5.73 18.05
C GLY A 77 32.23 4.55 18.90
N PHE A 78 31.45 3.63 18.34
CA PHE A 78 31.10 2.43 19.08
C PHE A 78 32.21 1.39 18.95
N ALA A 79 32.99 1.18 20.00
CA ALA A 79 34.11 0.25 19.89
C ALA A 79 33.73 -1.16 20.28
N GLY A 80 34.45 -2.14 19.76
CA GLY A 80 34.38 -3.49 20.27
C GLY A 80 33.26 -4.36 19.73
N LEU A 81 32.49 -3.84 18.80
CA LEU A 81 31.44 -4.64 18.21
C LEU A 81 31.96 -5.51 17.05
N ARG A 82 31.37 -6.70 16.90
CA ARG A 82 31.68 -7.57 15.79
C ARG A 82 30.50 -7.57 14.85
N ALA A 83 30.77 -7.72 13.57
CA ALA A 83 29.71 -7.62 12.55
C ALA A 83 28.61 -8.69 12.75
N GLU A 84 29.00 -9.85 13.26
CA GLU A 84 28.06 -10.91 13.51
C GLU A 84 27.02 -10.55 14.58
N GLN A 85 27.23 -9.47 15.33
CA GLN A 85 26.22 -9.00 16.30
C GLN A 85 25.12 -8.13 15.65
N LEU A 86 25.26 -7.84 14.35
CA LEU A 86 24.37 -6.87 13.68
C LEU A 86 23.35 -7.56 12.81
N PHE A 87 22.07 -7.36 13.12
CA PHE A 87 21.03 -7.95 12.33
C PHE A 87 20.13 -6.89 11.76
N SER A 88 20.23 -6.72 10.44
CA SER A 88 19.36 -5.81 9.72
C SER A 88 18.28 -6.61 8.97
N SER A 89 17.29 -5.91 8.47
CA SER A 89 16.23 -6.57 7.74
C SER A 89 16.81 -7.03 6.42
N ALA A 90 17.85 -6.36 5.97
CA ALA A 90 18.52 -6.78 4.74
C ALA A 90 19.14 -8.16 4.92
N LEU A 91 19.93 -8.29 5.97
CA LEU A 91 20.59 -9.53 6.29
C LEU A 91 19.61 -10.68 6.40
N CYS A 92 18.55 -10.45 7.15
CA CYS A 92 17.58 -11.48 7.45
C CYS A 92 16.77 -11.79 6.20
N ALA A 93 16.53 -10.78 5.36
CA ALA A 93 15.89 -11.07 4.07
C ALA A 93 16.78 -11.96 3.24
N ALA A 94 18.09 -11.68 3.22
CA ALA A 94 19.03 -12.50 2.44
C ALA A 94 19.01 -13.93 2.98
N ARG A 95 18.93 -14.09 4.29
N ARG A 95 18.92 -14.02 4.31
CA ARG A 95 18.90 -15.46 4.84
CA ARG A 95 18.91 -15.31 5.03
C ARG A 95 17.61 -16.18 4.57
C ARG A 95 17.66 -16.14 4.69
N LEU A 96 16.49 -15.49 4.72
CA LEU A 96 15.24 -16.15 4.43
C LEU A 96 15.27 -16.64 2.99
N LEU A 97 15.69 -15.75 2.08
CA LEU A 97 15.72 -16.06 0.65
C LEU A 97 16.75 -17.18 0.30
N ARG A 98 17.90 -17.16 0.95
CA ARG A 98 18.85 -18.24 0.79
C ARG A 98 18.21 -19.53 1.30
N GLN A 99 17.51 -19.53 2.44
CA GLN A 99 16.91 -20.76 2.92
CA GLN A 99 16.91 -20.78 2.90
C GLN A 99 15.89 -21.23 1.87
N ARG A 100 14.97 -20.33 1.48
CA ARG A 100 13.84 -20.72 0.61
CA ARG A 100 13.84 -20.72 0.61
C ARG A 100 14.25 -21.01 -0.82
N LEU A 101 15.36 -20.45 -1.31
CA LEU A 101 15.74 -20.65 -2.72
C LEU A 101 16.87 -21.70 -3.03
N PRO A 102 17.56 -22.24 -2.02
CA PRO A 102 18.28 -23.48 -2.26
C PRO A 102 17.40 -24.64 -2.65
N GLY A 103 18.03 -25.41 -3.52
CA GLY A 103 17.42 -26.56 -4.12
C GLY A 103 18.44 -27.13 -5.05
N PRO A 104 18.02 -28.03 -5.94
CA PRO A 104 18.94 -28.54 -6.94
C PRO A 104 19.72 -27.37 -7.55
N PRO A 105 20.92 -27.66 -8.08
CA PRO A 105 21.73 -26.63 -8.74
C PRO A 105 21.00 -25.91 -9.89
N ASP A 106 20.38 -26.69 -10.77
CA ASP A 106 19.71 -26.14 -11.95
C ASP A 106 18.46 -25.30 -11.60
N ALA A 107 17.79 -25.63 -10.50
CA ALA A 107 16.61 -24.88 -10.09
C ALA A 107 16.95 -23.42 -9.81
N SER A 108 18.10 -23.17 -9.19
CA SER A 108 18.42 -21.84 -8.67
C SER A 108 18.15 -20.75 -9.69
N GLY A 109 17.37 -19.77 -9.25
CA GLY A 109 16.94 -18.67 -10.08
C GLY A 109 17.39 -17.36 -9.47
N ALA A 110 16.68 -16.28 -9.76
CA ALA A 110 17.16 -14.98 -9.33
C ALA A 110 16.15 -14.25 -8.46
N VAL A 111 16.64 -13.23 -7.78
CA VAL A 111 15.80 -12.39 -6.95
C VAL A 111 15.68 -11.02 -7.59
N PHE A 112 14.45 -10.61 -7.85
CA PHE A 112 14.22 -9.27 -8.35
C PHE A 112 14.03 -8.37 -7.13
N VAL A 113 14.91 -7.37 -7.06
CA VAL A 113 15.05 -6.54 -5.89
C VAL A 113 14.66 -5.08 -6.13
N LEU A 114 13.72 -4.59 -5.33
CA LEU A 114 13.35 -3.17 -5.28
C LEU A 114 14.10 -2.62 -4.07
N GLY A 115 15.28 -2.05 -4.31
CA GLY A 115 16.08 -1.55 -3.21
C GLY A 115 17.43 -1.07 -3.67
N GLY A 116 18.27 -0.62 -2.75
CA GLY A 116 19.54 0.03 -3.07
C GLY A 116 20.69 -0.96 -3.14
N GLU A 117 21.89 -0.46 -3.37
CA GLU A 117 23.01 -1.36 -3.62
CA GLU A 117 23.00 -1.35 -3.64
C GLU A 117 23.40 -2.11 -2.33
N GLY A 118 23.13 -1.51 -1.17
CA GLY A 118 23.41 -2.13 0.11
C GLY A 118 22.67 -3.45 0.26
N LEU A 119 21.42 -3.43 -0.10
CA LEU A 119 20.57 -4.58 -0.01
C LEU A 119 21.00 -5.57 -1.05
N ARG A 120 21.38 -5.08 -2.21
CA ARG A 120 21.86 -5.95 -3.24
C ARG A 120 23.08 -6.73 -2.75
N ALA A 121 24.01 -6.00 -2.12
CA ALA A 121 25.30 -6.57 -1.70
C ALA A 121 25.03 -7.59 -0.63
N GLU A 122 24.04 -7.30 0.22
CA GLU A 122 23.70 -8.23 1.29
C GLU A 122 23.21 -9.52 0.66
N LEU A 123 22.36 -9.43 -0.36
CA LEU A 123 21.88 -10.67 -0.96
C LEU A 123 23.03 -11.44 -1.70
N ARG A 124 23.93 -10.75 -2.38
CA ARG A 124 25.02 -11.44 -3.06
C ARG A 124 25.95 -12.16 -2.08
N ALA A 125 26.21 -11.55 -0.93
CA ALA A 125 27.02 -12.20 0.07
C ALA A 125 26.41 -13.52 0.52
N ALA A 126 25.10 -13.68 0.41
CA ALA A 126 24.42 -14.92 0.76
C ALA A 126 24.35 -15.94 -0.38
N GLY A 127 24.98 -15.59 -1.51
CA GLY A 127 25.04 -16.47 -2.65
C GLY A 127 23.89 -16.33 -3.61
N LEU A 128 23.01 -15.36 -3.40
CA LEU A 128 21.89 -15.14 -4.29
C LEU A 128 22.25 -14.39 -5.58
N ARG A 129 21.65 -14.85 -6.67
CA ARG A 129 21.78 -14.23 -7.97
C ARG A 129 20.64 -13.21 -8.12
N LEU A 130 20.96 -12.03 -8.67
CA LEU A 130 19.99 -10.93 -8.75
C LEU A 130 19.58 -10.61 -10.17
N ALA A 131 18.28 -10.43 -10.43
CA ALA A 131 17.83 -9.90 -11.72
C ALA A 131 18.50 -8.54 -11.88
N GLY A 132 18.91 -8.23 -13.09
CA GLY A 132 19.50 -6.93 -13.34
C GLY A 132 21.00 -6.89 -13.15
N ASP A 133 21.59 -7.95 -12.61
CA ASP A 133 23.05 -8.07 -12.62
C ASP A 133 23.52 -8.55 -14.00
N PRO A 134 24.82 -8.47 -14.24
CA PRO A 134 25.35 -8.80 -15.57
C PRO A 134 25.05 -10.23 -15.99
N GLY A 135 24.84 -10.38 -17.28
CA GLY A 135 24.64 -11.68 -17.90
C GLY A 135 23.19 -12.10 -17.95
N GLU A 136 23.01 -13.41 -18.10
CA GLU A 136 21.68 -14.01 -18.16
C GLU A 136 20.97 -13.76 -16.84
N ASP A 137 19.73 -13.27 -16.93
CA ASP A 137 18.87 -13.25 -15.77
C ASP A 137 18.11 -14.56 -15.80
N PRO A 138 18.40 -15.46 -14.86
CA PRO A 138 17.59 -16.68 -14.86
C PRO A 138 16.15 -16.36 -14.48
N ARG A 139 15.35 -17.40 -14.36
CA ARG A 139 14.00 -17.28 -13.86
C ARG A 139 13.98 -16.46 -12.56
N VAL A 140 13.08 -15.49 -12.49
CA VAL A 140 12.89 -14.78 -11.25
C VAL A 140 12.06 -15.66 -10.29
N ARG A 141 12.65 -15.96 -9.14
CA ARG A 141 12.01 -16.85 -8.18
C ARG A 141 11.53 -16.11 -6.94
N ALA A 142 11.93 -14.85 -6.83
CA ALA A 142 11.43 -14.03 -5.75
C ALA A 142 11.53 -12.55 -6.07
N VAL A 143 10.58 -11.82 -5.50
CA VAL A 143 10.60 -10.38 -5.47
C VAL A 143 10.88 -9.94 -4.04
N LEU A 144 11.89 -9.10 -3.86
CA LEU A 144 12.17 -8.52 -2.56
C LEU A 144 11.88 -7.02 -2.59
N VAL A 145 11.05 -6.54 -1.68
CA VAL A 145 10.77 -5.10 -1.58
C VAL A 145 11.53 -4.57 -0.37
N GLY A 146 12.42 -3.63 -0.61
CA GLY A 146 13.11 -2.97 0.49
C GLY A 146 12.96 -1.46 0.33
N TYR A 147 13.79 -0.71 1.05
CA TYR A 147 13.72 0.73 0.98
C TYR A 147 14.26 1.12 -0.38
N ASP A 148 13.41 1.64 -1.26
CA ASP A 148 13.78 1.82 -2.68
C ASP A 148 13.59 3.23 -3.18
N GLU A 149 14.67 4.02 -3.05
CA GLU A 149 14.58 5.43 -3.43
C GLU A 149 14.37 5.59 -4.90
N GLN A 150 14.59 4.55 -5.67
CA GLN A 150 14.34 4.60 -7.09
C GLN A 150 13.02 3.92 -7.42
N PHE A 151 12.12 3.76 -6.46
CA PHE A 151 10.83 3.15 -6.73
C PHE A 151 10.10 3.91 -7.82
N SER A 152 9.48 3.17 -8.72
CA SER A 152 8.79 3.81 -9.84
C SER A 152 7.67 2.93 -10.35
N PHE A 153 6.75 3.57 -11.05
CA PHE A 153 5.63 2.84 -11.61
C PHE A 153 6.10 1.71 -12.51
N SER A 154 7.12 1.91 -13.35
CA SER A 154 7.51 0.77 -14.19
C SER A 154 8.13 -0.36 -13.39
N ARG A 155 8.85 -0.08 -12.30
CA ARG A 155 9.46 -1.17 -11.53
CA ARG A 155 9.46 -1.17 -11.53
C ARG A 155 8.44 -1.89 -10.65
N LEU A 156 7.39 -1.18 -10.25
CA LEU A 156 6.24 -1.79 -9.62
C LEU A 156 5.60 -2.74 -10.64
N THR A 157 5.47 -2.27 -11.88
CA THR A 157 4.85 -3.07 -12.93
C THR A 157 5.67 -4.34 -13.18
N GLU A 158 6.98 -4.20 -13.20
CA GLU A 158 7.84 -5.33 -13.49
C GLU A 158 7.79 -6.35 -12.30
N ALA A 159 7.77 -5.86 -11.07
CA ALA A 159 7.62 -6.73 -9.91
C ALA A 159 6.35 -7.58 -10.05
N CYS A 160 5.23 -6.93 -10.36
CA CYS A 160 3.95 -7.62 -10.50
C CYS A 160 3.97 -8.68 -11.58
N ALA A 161 4.69 -8.40 -12.65
CA ALA A 161 4.83 -9.33 -13.76
C ALA A 161 5.46 -10.62 -13.22
N HIS A 162 6.54 -10.49 -12.45
CA HIS A 162 7.19 -11.65 -11.86
C HIS A 162 6.23 -12.36 -10.92
N LEU A 163 5.44 -11.60 -10.17
CA LEU A 163 4.53 -12.18 -9.19
C LEU A 163 3.27 -12.84 -9.78
N ARG A 164 3.03 -12.72 -11.10
CA ARG A 164 1.92 -13.46 -11.72
C ARG A 164 2.10 -14.96 -11.52
N ASP A 165 3.36 -15.41 -11.59
CA ASP A 165 3.72 -16.78 -11.23
C ASP A 165 3.53 -17.02 -9.72
N PRO A 166 2.55 -17.85 -9.35
CA PRO A 166 2.26 -18.07 -7.92
C PRO A 166 3.43 -18.62 -7.12
N ASP A 167 4.32 -19.36 -7.77
CA ASP A 167 5.51 -19.87 -7.08
C ASP A 167 6.64 -18.86 -6.85
N CYS A 168 6.57 -17.68 -7.45
CA CYS A 168 7.54 -16.62 -7.16
C CYS A 168 7.21 -16.10 -5.78
N LEU A 169 8.18 -16.02 -4.89
CA LEU A 169 7.94 -15.52 -3.55
C LEU A 169 7.85 -14.00 -3.53
N LEU A 170 7.11 -13.47 -2.55
CA LEU A 170 7.14 -12.03 -2.25
C LEU A 170 7.70 -11.83 -0.85
N VAL A 171 8.81 -11.12 -0.74
CA VAL A 171 9.40 -10.84 0.57
C VAL A 171 9.53 -9.33 0.74
N ALA A 172 9.22 -8.84 1.92
CA ALA A 172 9.48 -7.44 2.22
C ALA A 172 10.47 -7.36 3.39
N THR A 173 11.37 -6.39 3.36
CA THR A 173 12.29 -6.29 4.48
C THR A 173 11.57 -5.91 5.77
N ASP A 174 10.54 -5.04 5.65
CA ASP A 174 9.83 -4.52 6.80
C ASP A 174 8.62 -3.75 6.38
N ARG A 175 7.81 -3.37 7.34
CA ARG A 175 6.65 -2.55 7.06
C ARG A 175 6.73 -1.17 7.73
N ASP A 176 7.92 -0.68 8.06
CA ASP A 176 7.98 0.64 8.65
C ASP A 176 7.36 1.63 7.63
N PRO A 177 6.41 2.47 8.07
CA PRO A 177 5.70 3.18 7.01
C PRO A 177 6.44 4.44 6.50
N TRP A 178 7.28 5.03 7.31
CA TRP A 178 7.98 6.29 6.95
C TRP A 178 9.05 6.51 8.00
N HIS A 179 10.01 7.39 7.69
CA HIS A 179 11.11 7.68 8.60
C HIS A 179 11.41 9.15 8.63
N PRO A 180 11.79 9.68 9.81
CA PRO A 180 12.22 11.08 9.97
C PRO A 180 13.60 11.33 9.34
N LEU A 181 13.77 12.50 8.77
CA LEU A 181 15.08 12.94 8.30
C LEU A 181 15.53 14.10 9.18
N SER A 182 16.79 14.46 9.04
CA SER A 182 17.37 15.44 9.95
C SER A 182 16.73 16.82 9.77
N ASP A 183 16.24 17.14 8.58
CA ASP A 183 15.58 18.44 8.39
C ASP A 183 14.13 18.49 8.92
N GLY A 184 13.66 17.44 9.58
CA GLY A 184 12.27 17.41 10.03
C GLY A 184 11.25 16.86 9.03
N SER A 185 11.66 16.69 7.77
CA SER A 185 10.79 16.06 6.80
C SER A 185 10.82 14.55 6.99
N ARG A 186 10.10 13.82 6.12
CA ARG A 186 10.03 12.39 6.23
C ARG A 186 10.34 11.72 4.91
N THR A 187 10.83 10.50 4.96
CA THR A 187 10.96 9.72 3.75
C THR A 187 10.03 8.54 3.88
N PRO A 188 9.37 8.15 2.78
CA PRO A 188 8.50 6.97 2.80
C PRO A 188 9.30 5.69 3.12
N GLY A 189 8.69 4.81 3.90
CA GLY A 189 9.31 3.57 4.30
C GLY A 189 8.92 2.41 3.43
N THR A 190 9.62 1.29 3.63
CA THR A 190 9.35 0.05 2.89
C THR A 190 7.91 -0.41 3.00
N GLY A 191 7.30 -0.16 4.17
CA GLY A 191 5.94 -0.55 4.39
C GLY A 191 5.02 0.06 3.33
N SER A 192 5.36 1.27 2.89
CA SER A 192 4.52 1.93 1.89
C SER A 192 4.71 1.34 0.49
N LEU A 193 5.94 0.92 0.18
CA LEU A 193 6.21 0.32 -1.08
C LEU A 193 5.61 -1.08 -1.11
N ALA A 194 5.78 -1.80 -0.01
CA ALA A 194 5.30 -3.14 0.12
C ALA A 194 3.81 -3.14 -0.08
N ALA A 195 3.15 -2.10 0.44
CA ALA A 195 1.67 -2.04 0.36
C ALA A 195 1.29 -1.88 -1.11
N ALA A 196 2.05 -1.07 -1.85
CA ALA A 196 1.76 -0.91 -3.26
C ALA A 196 1.99 -2.25 -3.94
N VAL A 197 3.10 -2.92 -3.64
CA VAL A 197 3.39 -4.17 -4.37
C VAL A 197 2.33 -5.24 -4.02
N GLU A 198 2.02 -5.38 -2.75
CA GLU A 198 1.01 -6.35 -2.33
C GLU A 198 -0.36 -6.06 -2.99
N THR A 199 -0.72 -4.79 -3.06
CA THR A 199 -2.04 -4.44 -3.60
C THR A 199 -2.10 -4.73 -5.09
N ALA A 200 -1.06 -4.33 -5.84
CA ALA A 200 -1.07 -4.50 -7.30
C ALA A 200 -0.97 -5.98 -7.70
N SER A 201 -0.32 -6.81 -6.89
CA SER A 201 -0.09 -8.24 -7.20
C SER A 201 -1.12 -9.18 -6.58
N GLY A 202 -1.95 -8.64 -5.69
CA GLY A 202 -2.86 -9.46 -4.91
C GLY A 202 -2.17 -10.47 -4.03
N ARG A 203 -0.94 -10.19 -3.59
CA ARG A 203 -0.21 -11.12 -2.72
C ARG A 203 -0.04 -10.56 -1.32
N GLN A 204 0.21 -11.46 -0.37
CA GLN A 204 0.71 -11.09 0.95
CA GLN A 204 0.70 -11.11 0.95
C GLN A 204 2.20 -11.37 0.98
N ALA A 205 2.98 -10.37 1.37
CA ALA A 205 4.41 -10.55 1.51
C ALA A 205 4.77 -11.25 2.81
N LEU A 206 5.81 -12.09 2.75
CA LEU A 206 6.48 -12.57 3.95
C LEU A 206 7.34 -11.42 4.46
N VAL A 207 7.08 -10.98 5.69
CA VAL A 207 7.85 -9.84 6.21
C VAL A 207 8.98 -10.34 7.11
N VAL A 208 10.17 -9.86 6.89
CA VAL A 208 11.32 -10.35 7.63
C VAL A 208 11.62 -9.58 8.92
N GLY A 209 11.56 -8.25 8.83
CA GLY A 209 11.99 -7.39 9.92
C GLY A 209 10.94 -7.24 11.02
N LYS A 210 11.40 -6.73 12.16
CA LYS A 210 10.57 -6.40 13.31
C LYS A 210 9.35 -5.64 12.79
N PRO A 211 8.15 -5.95 13.30
CA PRO A 211 7.84 -6.80 14.44
C PRO A 211 7.59 -8.27 14.10
N SER A 212 7.93 -8.66 12.91
CA SER A 212 7.84 -10.07 12.58
C SER A 212 8.80 -10.90 13.46
N PRO A 213 8.31 -12.04 13.95
CA PRO A 213 9.14 -12.95 14.72
C PRO A 213 10.29 -13.51 13.89
N TYR A 214 10.23 -13.40 12.57
CA TYR A 214 11.31 -13.95 11.76
C TYR A 214 12.70 -13.36 12.15
N MET A 215 12.72 -12.07 12.43
CA MET A 215 13.95 -11.38 12.84
C MET A 215 14.49 -12.02 14.09
N PHE A 216 13.61 -12.45 14.99
CA PHE A 216 14.10 -13.07 16.23
C PHE A 216 14.66 -14.45 15.96
N GLN A 217 14.00 -15.16 15.06
CA GLN A 217 14.48 -16.46 14.60
C GLN A 217 15.86 -16.31 13.95
N CYS A 218 15.99 -15.32 13.07
CA CYS A 218 17.24 -15.08 12.37
C CYS A 218 18.33 -14.89 13.45
N ILE A 219 18.03 -14.13 14.51
CA ILE A 219 18.98 -13.97 15.63
C ILE A 219 19.24 -15.25 16.42
N THR A 220 18.21 -16.05 16.67
CA THR A 220 18.42 -17.22 17.52
C THR A 220 19.14 -18.37 16.79
N GLU A 221 19.25 -18.31 15.47
CA GLU A 221 20.07 -19.27 14.76
C GLU A 221 21.58 -19.07 15.09
N ASP A 222 21.97 -17.87 15.49
CA ASP A 222 23.39 -17.57 15.67
C ASP A 222 23.81 -17.47 17.14
N PHE A 223 22.90 -17.06 18.01
CA PHE A 223 23.21 -16.82 19.42
C PHE A 223 22.15 -17.44 20.30
N SER A 224 22.54 -17.91 21.47
CA SER A 224 21.54 -18.30 22.45
C SER A 224 20.99 -17.09 23.19
N VAL A 225 19.72 -16.83 22.99
CA VAL A 225 19.06 -15.71 23.62
C VAL A 225 17.87 -16.20 24.39
N ASP A 226 17.87 -15.98 25.70
CA ASP A 226 16.72 -16.29 26.52
C ASP A 226 15.82 -15.06 26.55
N PRO A 227 14.65 -15.13 25.88
CA PRO A 227 13.84 -13.90 25.78
C PRO A 227 13.45 -13.33 27.11
N ALA A 228 13.12 -14.21 28.06
CA ALA A 228 12.75 -13.85 29.41
C ALA A 228 13.79 -13.00 30.10
N ARG A 229 15.08 -13.17 29.76
CA ARG A 229 16.17 -12.40 30.37
C ARG A 229 16.82 -11.37 29.41
N THR A 230 16.11 -10.94 28.39
CA THR A 230 16.69 -10.02 27.42
C THR A 230 15.83 -8.75 27.43
N LEU A 231 16.44 -7.56 27.37
CA LEU A 231 15.69 -6.33 27.14
C LEU A 231 15.68 -5.99 25.69
N MET A 232 14.52 -5.58 25.19
CA MET A 232 14.44 -5.12 23.82
C MET A 232 14.27 -3.61 23.92
N VAL A 233 15.21 -2.87 23.36
CA VAL A 233 15.24 -1.42 23.50
C VAL A 233 15.02 -0.78 22.14
N GLY A 234 14.01 0.07 22.04
CA GLY A 234 13.68 0.70 20.77
C GLY A 234 13.00 2.05 20.91
N ASP A 235 12.93 2.79 19.81
CA ASP A 235 12.25 4.08 19.82
C ASP A 235 10.85 4.02 19.16
N ARG A 236 10.49 2.89 18.57
CA ARG A 236 9.22 2.84 17.82
C ARG A 236 8.25 1.82 18.36
N LEU A 237 7.12 2.30 18.84
CA LEU A 237 6.18 1.45 19.55
C LEU A 237 5.69 0.34 18.65
N GLU A 238 5.29 0.70 17.42
CA GLU A 238 4.58 -0.23 16.56
C GLU A 238 5.56 -1.27 15.92
N THR A 239 6.86 -1.00 15.97
CA THR A 239 7.82 -1.95 15.49
C THR A 239 8.67 -2.59 16.61
N ASP A 240 9.37 -1.80 17.40
CA ASP A 240 10.29 -2.33 18.41
C ASP A 240 9.59 -2.94 19.60
N ILE A 241 8.62 -2.21 20.14
CA ILE A 241 7.98 -2.69 21.37
C ILE A 241 7.07 -3.89 21.08
N LEU A 242 6.24 -3.79 20.06
CA LEU A 242 5.40 -4.92 19.66
C LEU A 242 6.29 -6.16 19.45
N PHE A 243 7.43 -5.94 18.82
CA PHE A 243 8.34 -7.02 18.55
C PHE A 243 8.78 -7.70 19.83
N GLY A 244 9.19 -6.87 20.79
CA GLY A 244 9.60 -7.36 22.08
C GLY A 244 8.46 -8.15 22.70
N HIS A 245 7.22 -7.65 22.62
CA HIS A 245 6.14 -8.40 23.24
C HIS A 245 5.97 -9.75 22.57
N ARG A 246 5.99 -9.79 21.24
CA ARG A 246 5.77 -11.06 20.55
C ARG A 246 6.87 -12.09 20.86
N CYS A 247 8.09 -11.61 21.10
CA CYS A 247 9.22 -12.50 21.39
C CYS A 247 9.32 -12.81 22.85
N GLY A 248 8.49 -12.23 23.69
CA GLY A 248 8.52 -12.56 25.10
C GLY A 248 9.62 -11.85 25.89
N MET A 249 10.05 -10.69 25.42
CA MET A 249 11.09 -9.90 26.07
C MET A 249 10.54 -8.74 26.90
N THR A 250 11.36 -8.24 27.81
CA THR A 250 11.00 -7.01 28.51
C THR A 250 11.34 -5.86 27.58
N THR A 251 10.46 -4.89 27.51
CA THR A 251 10.56 -3.90 26.47
C THR A 251 10.84 -2.55 27.10
N VAL A 252 11.73 -1.80 26.45
CA VAL A 252 12.10 -0.49 26.91
C VAL A 252 12.00 0.50 25.76
N LEU A 253 11.13 1.50 25.92
CA LEU A 253 11.04 2.57 24.95
C LEU A 253 12.00 3.67 25.33
N THR A 254 12.81 4.07 24.38
CA THR A 254 13.64 5.27 24.55
C THR A 254 13.00 6.40 23.73
N LEU A 255 13.08 7.64 24.25
CA LEU A 255 12.34 8.79 23.71
C LEU A 255 13.14 9.70 22.77
N THR A 256 14.35 9.26 22.38
CA THR A 256 15.21 10.04 21.49
C THR A 256 14.83 9.87 19.99
N GLY A 257 13.77 9.13 19.73
CA GLY A 257 13.45 8.76 18.38
C GLY A 257 12.02 9.01 17.96
N VAL A 258 11.41 8.05 17.26
CA VAL A 258 10.14 8.30 16.58
C VAL A 258 8.93 8.43 17.54
N SER A 259 8.71 7.48 18.46
CA SER A 259 7.53 7.54 19.33
C SER A 259 7.68 8.39 20.56
N SER A 260 6.56 8.91 21.05
CA SER A 260 6.55 9.73 22.27
C SER A 260 5.96 8.97 23.41
N LEU A 261 6.29 9.42 24.62
CA LEU A 261 5.66 8.89 25.82
C LEU A 261 4.14 8.95 25.78
N GLU A 262 3.63 10.03 25.20
CA GLU A 262 2.20 10.22 25.21
C GLU A 262 1.54 9.25 24.23
N GLU A 263 2.21 8.95 23.12
CA GLU A 263 1.69 7.92 22.22
C GLU A 263 1.60 6.59 22.96
N ALA A 264 2.63 6.28 23.76
CA ALA A 264 2.65 5.05 24.55
C ALA A 264 1.55 5.05 25.57
N GLN A 265 1.34 6.20 26.20
CA GLN A 265 0.34 6.31 27.25
C GLN A 265 -1.06 6.17 26.69
N ALA A 266 -1.28 6.70 25.48
CA ALA A 266 -2.58 6.53 24.88
C ALA A 266 -2.82 5.06 24.56
N TYR A 267 -1.79 4.31 24.14
CA TYR A 267 -2.01 2.90 23.89
C TYR A 267 -2.38 2.22 25.20
N LEU A 268 -1.77 2.65 26.30
CA LEU A 268 -2.06 2.05 27.58
C LEU A 268 -3.51 2.31 27.94
N THR A 269 -3.94 3.56 27.87
CA THR A 269 -5.29 3.89 28.29
C THR A 269 -6.32 3.17 27.39
N ALA A 270 -5.93 2.85 26.16
CA ALA A 270 -6.82 2.13 25.26
C ALA A 270 -6.76 0.61 25.44
N GLY A 271 -5.91 0.14 26.34
CA GLY A 271 -5.74 -1.30 26.48
C GLY A 271 -5.07 -1.99 25.27
N GLN A 272 -4.28 -1.28 24.47
CA GLN A 272 -3.56 -1.97 23.41
C GLN A 272 -2.20 -2.38 23.94
N ARG A 273 -2.23 -3.47 24.69
CA ARG A 273 -1.18 -3.86 25.61
C ARG A 273 0.12 -4.22 24.91
N ASP A 274 -0.01 -4.74 23.70
CA ASP A 274 1.15 -5.11 22.91
C ASP A 274 1.89 -3.91 22.32
N LEU A 275 1.36 -2.71 22.48
CA LEU A 275 2.00 -1.52 21.98
C LEU A 275 2.45 -0.65 23.15
N VAL A 276 2.36 -1.18 24.36
CA VAL A 276 2.79 -0.43 25.53
C VAL A 276 4.14 -0.96 25.99
N PRO A 277 5.15 -0.08 26.11
CA PRO A 277 6.43 -0.62 26.60
C PRO A 277 6.32 -0.91 28.08
N HIS A 278 7.06 -1.90 28.59
CA HIS A 278 7.15 -2.14 30.04
C HIS A 278 7.76 -0.92 30.74
N TYR A 279 8.86 -0.44 30.18
CA TYR A 279 9.57 0.70 30.74
C TYR A 279 9.86 1.74 29.68
N TYR A 280 10.16 2.95 30.10
CA TYR A 280 10.73 3.90 29.17
C TYR A 280 11.88 4.65 29.80
N VAL A 281 12.76 5.16 28.94
CA VAL A 281 13.78 6.12 29.34
C VAL A 281 13.84 7.28 28.37
N GLU A 282 14.33 8.42 28.84
CA GLU A 282 14.48 9.58 27.99
C GLU A 282 15.54 9.31 26.94
N SER A 283 16.60 8.63 27.36
CA SER A 283 17.68 8.27 26.49
C SER A 283 18.31 6.99 27.02
N ILE A 284 18.90 6.19 26.13
CA ILE A 284 19.52 5.00 26.63
C ILE A 284 20.71 5.31 27.52
N ALA A 285 21.19 6.55 27.49
CA ALA A 285 22.20 7.00 28.44
C ALA A 285 21.71 6.81 29.83
N ASP A 286 20.43 7.04 30.06
CA ASP A 286 19.88 6.86 31.42
C ASP A 286 20.12 5.46 31.98
N LEU A 287 20.28 4.46 31.12
CA LEU A 287 20.46 3.10 31.60
C LEU A 287 21.74 2.94 32.36
N MET A 288 22.71 3.80 32.07
CA MET A 288 24.03 3.63 32.68
C MET A 288 24.02 3.74 34.18
N GLU A 289 23.06 4.51 34.75
CA GLU A 289 23.04 4.72 36.21
CA GLU A 289 23.04 4.72 36.20
C GLU A 289 22.72 3.40 36.92
N GLY A 290 22.26 2.41 36.18
CA GLY A 290 22.03 1.11 36.77
C GLY A 290 23.23 0.16 36.70
N LEU A 291 24.37 0.62 36.19
CA LEU A 291 25.55 -0.24 36.12
C LEU A 291 26.62 0.36 37.04
N GLU A 292 27.42 -0.52 37.62
CA GLU A 292 28.52 -0.15 38.54
C GLU A 292 29.85 0.03 37.80
N MET B 2 -31.99 -11.29 -2.63
CA MET B 2 -30.66 -11.92 -2.37
C MET B 2 -30.16 -12.69 -3.60
N ALA B 3 -29.07 -12.14 -4.16
CA ALA B 3 -28.51 -12.49 -5.47
C ALA B 3 -28.23 -13.96 -5.66
N ARG B 4 -28.62 -14.49 -6.80
CA ARG B 4 -28.39 -15.91 -7.06
C ARG B 4 -27.47 -16.17 -8.26
N CYS B 5 -26.97 -15.12 -8.91
CA CYS B 5 -26.06 -15.30 -10.03
C CYS B 5 -26.63 -16.22 -11.09
N GLU B 6 -27.82 -15.94 -11.60
CA GLU B 6 -28.36 -16.78 -12.67
C GLU B 6 -28.20 -16.16 -14.05
N ARG B 7 -28.08 -17.03 -15.06
CA ARG B 7 -27.89 -16.62 -16.45
C ARG B 7 -29.14 -15.94 -16.96
N LEU B 8 -28.99 -14.68 -17.32
CA LEU B 8 -30.11 -13.89 -17.78
C LEU B 8 -30.34 -14.17 -19.26
N ARG B 9 -31.46 -14.85 -19.53
CA ARG B 9 -31.81 -15.23 -20.89
C ARG B 9 -33.33 -15.41 -20.96
N GLY B 10 -33.83 -15.61 -22.17
CA GLY B 10 -35.22 -15.99 -22.35
C GLY B 10 -36.15 -14.98 -21.72
N ALA B 11 -37.22 -15.49 -21.11
CA ALA B 11 -38.31 -14.68 -20.58
C ALA B 11 -37.91 -13.70 -19.48
N ALA B 12 -37.15 -14.18 -18.50
CA ALA B 12 -36.68 -13.33 -17.40
C ALA B 12 -35.96 -12.10 -17.94
N LEU B 13 -35.11 -12.30 -18.95
CA LEU B 13 -34.36 -11.21 -19.57
C LEU B 13 -35.29 -10.18 -20.21
N ARG B 14 -36.37 -10.64 -20.87
CA ARG B 14 -37.34 -9.72 -21.47
C ARG B 14 -38.06 -8.93 -20.38
N ASP B 15 -38.35 -9.60 -19.26
CA ASP B 15 -39.05 -8.96 -18.15
C ASP B 15 -38.11 -7.95 -17.46
N VAL B 16 -36.87 -8.36 -17.20
CA VAL B 16 -35.90 -7.47 -16.53
C VAL B 16 -35.63 -6.16 -17.31
N LEU B 17 -35.54 -6.25 -18.63
CA LEU B 17 -35.30 -5.06 -19.45
C LEU B 17 -36.50 -4.13 -19.52
N GLY B 18 -37.70 -4.69 -19.66
CA GLY B 18 -38.90 -3.88 -19.76
C GLY B 18 -39.12 -3.06 -18.51
N GLN B 19 -38.95 -3.71 -17.35
CA GLN B 19 -39.13 -3.06 -16.05
C GLN B 19 -38.11 -1.92 -15.84
N ALA B 20 -37.01 -1.96 -16.60
CA ALA B 20 -35.92 -1.02 -16.36
C ALA B 20 -36.21 0.39 -16.87
N GLN B 21 -35.90 1.37 -16.03
CA GLN B 21 -35.88 2.79 -16.40
C GLN B 21 -34.61 3.06 -17.20
N GLY B 22 -33.50 2.48 -16.71
CA GLY B 22 -32.20 2.72 -17.30
C GLY B 22 -31.18 1.64 -17.01
N VAL B 23 -30.06 1.72 -17.72
CA VAL B 23 -28.93 0.85 -17.49
C VAL B 23 -27.69 1.68 -17.22
N LEU B 24 -27.04 1.41 -16.09
CA LEU B 24 -25.74 2.01 -15.79
C LEU B 24 -24.65 1.05 -16.24
N PHE B 25 -23.85 1.47 -17.21
CA PHE B 25 -22.78 0.62 -17.73
C PHE B 25 -21.41 1.01 -17.21
N ASP B 26 -20.69 0.03 -16.66
CA ASP B 26 -19.25 0.16 -16.55
C ASP B 26 -18.73 0.12 -18.00
N CYS B 27 -17.52 0.66 -18.22
CA CYS B 27 -16.98 0.79 -19.57
C CYS B 27 -15.89 -0.24 -19.89
N ASP B 28 -14.78 -0.21 -19.17
CA ASP B 28 -13.69 -1.12 -19.43
C ASP B 28 -14.11 -2.55 -19.05
N GLY B 29 -13.82 -3.50 -19.94
CA GLY B 29 -14.16 -4.91 -19.73
C GLY B 29 -15.62 -5.21 -20.09
N VAL B 30 -16.37 -4.16 -20.44
CA VAL B 30 -17.80 -4.26 -20.72
C VAL B 30 -18.13 -3.81 -22.19
N LEU B 31 -17.72 -2.59 -22.57
CA LEU B 31 -18.04 -2.10 -23.91
C LEU B 31 -16.89 -2.39 -24.87
N TRP B 32 -15.72 -2.59 -24.28
CA TRP B 32 -14.50 -2.81 -25.01
C TRP B 32 -13.46 -3.47 -24.10
N ASN B 33 -12.46 -4.09 -24.72
CA ASN B 33 -11.21 -4.44 -24.07
C ASN B 33 -10.08 -3.82 -24.85
N GLY B 34 -9.48 -2.79 -24.29
CA GLY B 34 -8.52 -2.01 -25.05
C GLY B 34 -9.19 -1.46 -26.31
N GLU B 35 -8.57 -1.65 -27.47
CA GLU B 35 -9.13 -1.03 -28.66
C GLU B 35 -10.11 -1.93 -29.38
N ARG B 36 -10.46 -3.06 -28.76
CA ARG B 36 -11.35 -4.03 -29.39
C ARG B 36 -12.74 -3.89 -28.73
N ILE B 37 -13.73 -3.38 -29.46
CA ILE B 37 -15.05 -3.28 -28.85
C ILE B 37 -15.59 -4.67 -28.58
N VAL B 38 -16.49 -4.77 -27.61
CA VAL B 38 -17.27 -5.98 -27.43
C VAL B 38 -18.31 -6.09 -28.56
N PRO B 39 -18.29 -7.18 -29.34
CA PRO B 39 -19.25 -7.32 -30.43
C PRO B 39 -20.71 -7.20 -29.98
N GLY B 40 -21.45 -6.36 -30.68
CA GLY B 40 -22.85 -6.11 -30.37
C GLY B 40 -23.06 -4.91 -29.49
N ALA B 41 -21.99 -4.43 -28.88
CA ALA B 41 -22.09 -3.36 -27.89
C ALA B 41 -22.70 -2.05 -28.41
N PRO B 42 -22.23 -1.53 -29.55
CA PRO B 42 -22.87 -0.32 -30.09
C PRO B 42 -24.34 -0.55 -30.42
N GLU B 43 -24.59 -1.67 -31.10
CA GLU B 43 -25.94 -2.06 -31.56
C GLU B 43 -26.86 -2.17 -30.33
N LEU B 44 -26.33 -2.72 -29.24
CA LEU B 44 -27.07 -2.77 -27.98
C LEU B 44 -27.46 -1.37 -27.52
N LEU B 45 -26.50 -0.44 -27.48
CA LEU B 45 -26.78 0.93 -27.04
C LEU B 45 -27.84 1.60 -27.88
N GLN B 46 -27.77 1.40 -29.19
CA GLN B 46 -28.72 1.99 -30.09
C GLN B 46 -30.13 1.48 -29.78
N ARG B 47 -30.25 0.17 -29.61
CA ARG B 47 -31.57 -0.42 -29.40
C ARG B 47 -32.11 0.04 -28.06
N LEU B 48 -31.23 0.15 -27.07
CA LEU B 48 -31.65 0.69 -25.79
C LEU B 48 -32.28 2.09 -25.93
N ALA B 49 -31.60 2.96 -26.68
CA ALA B 49 -32.04 4.35 -26.83
C ALA B 49 -33.39 4.42 -27.51
N ARG B 50 -33.49 3.69 -28.61
CA ARG B 50 -34.71 3.60 -29.39
C ARG B 50 -35.87 3.12 -28.52
N ALA B 51 -35.61 2.12 -27.67
CA ALA B 51 -36.62 1.62 -26.72
C ALA B 51 -36.85 2.58 -25.55
N GLY B 52 -36.19 3.74 -25.62
CA GLY B 52 -36.36 4.82 -24.65
C GLY B 52 -35.77 4.53 -23.28
N LYS B 53 -34.89 3.54 -23.20
CA LYS B 53 -34.26 3.25 -21.92
C LYS B 53 -32.97 4.04 -21.79
N ASN B 54 -32.90 4.80 -20.71
CA ASN B 54 -31.79 5.70 -20.46
C ASN B 54 -30.52 4.94 -20.25
N THR B 55 -29.42 5.49 -20.75
CA THR B 55 -28.12 4.91 -20.55
C THR B 55 -27.18 5.91 -19.91
N LEU B 56 -26.38 5.42 -18.98
CA LEU B 56 -25.32 6.20 -18.36
C LEU B 56 -24.10 5.31 -18.24
N PHE B 57 -22.93 5.94 -18.07
CA PHE B 57 -21.68 5.24 -18.13
C PHE B 57 -20.84 5.64 -16.93
N VAL B 58 -20.36 4.64 -16.20
CA VAL B 58 -19.64 4.93 -15.01
C VAL B 58 -18.39 4.10 -14.98
N SER B 59 -17.24 4.79 -14.98
CA SER B 59 -15.98 4.12 -15.08
C SER B 59 -15.02 4.59 -13.98
N ASN B 60 -14.23 3.68 -13.45
CA ASN B 60 -13.18 4.12 -12.54
C ASN B 60 -11.95 4.59 -13.25
N ASN B 61 -11.96 4.53 -14.58
CA ASN B 61 -10.76 4.94 -15.34
C ASN B 61 -10.54 6.44 -15.08
N SER B 62 -9.38 6.79 -14.56
CA SER B 62 -9.05 8.21 -14.36
C SER B 62 -8.07 8.78 -15.41
N ARG B 63 -7.89 8.12 -16.55
CA ARG B 63 -6.92 8.62 -17.52
C ARG B 63 -7.54 9.69 -18.47
N ARG B 64 -8.83 9.61 -18.72
CA ARG B 64 -9.45 10.46 -19.74
C ARG B 64 -10.43 11.51 -19.21
N ALA B 65 -10.16 12.77 -19.56
CA ALA B 65 -11.14 13.79 -19.26
C ALA B 65 -12.36 13.55 -20.15
N ARG B 66 -13.48 14.11 -19.75
CA ARG B 66 -14.77 13.91 -20.42
C ARG B 66 -14.70 14.16 -21.97
N PRO B 67 -14.06 15.23 -22.45
CA PRO B 67 -14.05 15.35 -23.91
C PRO B 67 -13.31 14.17 -24.63
N GLU B 68 -12.17 13.73 -24.11
CA GLU B 68 -11.43 12.63 -24.72
C GLU B 68 -12.18 11.30 -24.56
N LEU B 69 -12.93 11.14 -23.47
CA LEU B 69 -13.73 9.93 -23.31
C LEU B 69 -14.86 9.93 -24.35
N ALA B 70 -15.45 11.09 -24.57
CA ALA B 70 -16.48 11.21 -25.58
C ALA B 70 -15.88 10.85 -26.97
N LEU B 71 -14.70 11.36 -27.29
CA LEU B 71 -14.05 11.00 -28.56
C LEU B 71 -13.82 9.50 -28.67
N ARG B 72 -13.38 8.88 -27.58
CA ARG B 72 -13.14 7.46 -27.61
C ARG B 72 -14.43 6.70 -28.00
N PHE B 73 -15.57 7.05 -27.42
CA PHE B 73 -16.85 6.39 -27.74
C PHE B 73 -17.15 6.48 -29.25
N ALA B 74 -17.05 7.69 -29.77
CA ALA B 74 -17.29 7.91 -31.19
C ALA B 74 -16.31 7.12 -32.05
N ARG B 75 -15.03 7.16 -31.70
CA ARG B 75 -13.99 6.58 -32.51
C ARG B 75 -14.21 5.08 -32.60
N LEU B 76 -14.60 4.49 -31.47
CA LEU B 76 -14.81 3.05 -31.41
C LEU B 76 -16.17 2.64 -31.94
N GLY B 77 -17.00 3.62 -32.29
CA GLY B 77 -18.25 3.34 -33.01
C GLY B 77 -19.57 3.53 -32.25
N PHE B 78 -19.52 4.04 -31.03
CA PHE B 78 -20.75 4.36 -30.30
C PHE B 78 -21.18 5.79 -30.63
N ALA B 79 -22.23 5.95 -31.44
CA ALA B 79 -22.68 7.28 -31.85
C ALA B 79 -23.84 7.83 -31.00
N GLY B 80 -24.01 9.15 -31.03
CA GLY B 80 -25.19 9.75 -30.46
C GLY B 80 -25.09 9.94 -28.97
N LEU B 81 -23.94 9.67 -28.38
CA LEU B 81 -23.84 9.89 -26.94
C LEU B 81 -23.63 11.37 -26.65
N ARG B 82 -24.15 11.77 -25.52
CA ARG B 82 -24.00 13.11 -25.02
C ARG B 82 -22.86 13.03 -23.96
N ALA B 83 -22.04 14.07 -23.84
CA ALA B 83 -20.94 14.03 -22.87
C ALA B 83 -21.47 13.90 -21.47
N GLU B 84 -22.68 14.44 -21.27
CA GLU B 84 -23.27 14.46 -19.94
C GLU B 84 -23.58 13.07 -19.37
N GLN B 85 -23.58 12.06 -20.23
CA GLN B 85 -23.89 10.68 -19.85
C GLN B 85 -22.68 9.96 -19.29
N LEU B 86 -21.53 10.61 -19.33
CA LEU B 86 -20.27 9.96 -19.02
C LEU B 86 -19.71 10.41 -17.70
N PHE B 87 -19.56 9.45 -16.78
CA PHE B 87 -18.98 9.65 -15.45
C PHE B 87 -17.74 8.79 -15.27
N SER B 88 -16.63 9.43 -15.01
CA SER B 88 -15.41 8.77 -14.57
C SER B 88 -15.05 9.24 -13.15
N SER B 89 -14.13 8.53 -12.51
CA SER B 89 -13.67 8.88 -11.17
C SER B 89 -12.89 10.19 -11.24
N ALA B 90 -12.34 10.48 -12.42
CA ALA B 90 -11.65 11.72 -12.64
C ALA B 90 -12.63 12.86 -12.53
N LEU B 91 -13.72 12.79 -13.28
CA LEU B 91 -14.75 13.79 -13.19
C LEU B 91 -15.26 13.96 -11.74
N CYS B 92 -15.57 12.85 -11.09
CA CYS B 92 -16.20 12.95 -9.78
C CYS B 92 -15.21 13.39 -8.70
N ALA B 93 -13.93 13.04 -8.85
CA ALA B 93 -12.89 13.56 -7.94
C ALA B 93 -12.82 15.07 -8.06
N ALA B 94 -12.89 15.59 -9.30
CA ALA B 94 -12.83 17.03 -9.49
C ALA B 94 -14.02 17.69 -8.76
N ARG B 95 -15.20 17.09 -8.89
CA ARG B 95 -16.41 17.66 -8.29
C ARG B 95 -16.36 17.53 -6.78
N LEU B 96 -15.87 16.39 -6.26
CA LEU B 96 -15.74 16.24 -4.81
C LEU B 96 -14.74 17.28 -4.25
N LEU B 97 -13.60 17.40 -4.90
CA LEU B 97 -12.64 18.35 -4.42
C LEU B 97 -13.14 19.79 -4.49
N ARG B 98 -13.89 20.15 -5.53
CA ARG B 98 -14.44 21.51 -5.58
C ARG B 98 -15.41 21.78 -4.41
N GLN B 99 -16.20 20.77 -4.10
CA GLN B 99 -17.17 20.82 -3.02
CA GLN B 99 -17.17 20.83 -3.01
C GLN B 99 -16.45 21.03 -1.67
N ARG B 100 -15.42 20.20 -1.39
CA ARG B 100 -14.74 20.25 -0.08
C ARG B 100 -13.87 21.46 0.07
N LEU B 101 -13.44 22.05 -1.03
CA LEU B 101 -12.52 23.18 -0.97
C LEU B 101 -13.10 24.61 -1.08
N PRO B 102 -14.43 24.80 -1.34
CA PRO B 102 -15.10 26.10 -1.27
C PRO B 102 -15.31 26.52 0.17
N GLY B 103 -15.70 27.76 0.40
CA GLY B 103 -16.15 28.09 1.73
C GLY B 103 -16.56 29.53 1.86
N PRO B 104 -17.13 29.88 3.03
CA PRO B 104 -17.27 31.30 3.35
C PRO B 104 -15.90 31.95 3.14
N PRO B 105 -14.81 31.28 3.58
CA PRO B 105 -13.47 31.75 3.20
C PRO B 105 -13.24 31.69 1.69
N ASP B 106 -12.29 32.50 1.23
CA ASP B 106 -11.94 32.57 -0.18
C ASP B 106 -10.49 32.13 -0.35
N ALA B 107 -9.82 32.69 -1.35
CA ALA B 107 -8.38 32.46 -1.56
C ALA B 107 -7.94 31.02 -1.26
N SER B 108 -8.72 30.06 -1.74
CA SER B 108 -8.56 28.66 -1.37
C SER B 108 -7.09 28.19 -1.52
N GLY B 109 -6.83 27.23 -2.41
CA GLY B 109 -5.49 26.70 -2.62
C GLY B 109 -5.42 25.81 -3.84
N ALA B 110 -4.45 24.90 -3.86
CA ALA B 110 -4.20 24.06 -5.02
C ALA B 110 -4.19 22.57 -4.69
N VAL B 111 -4.30 21.78 -5.76
CA VAL B 111 -4.34 20.35 -5.67
C VAL B 111 -3.07 19.75 -6.25
N PHE B 112 -2.43 18.88 -5.48
CA PHE B 112 -1.27 18.17 -5.97
C PHE B 112 -1.75 16.86 -6.52
N VAL B 113 -1.47 16.61 -7.78
CA VAL B 113 -2.06 15.48 -8.49
C VAL B 113 -1.03 14.39 -8.86
N LEU B 114 -1.21 13.20 -8.34
CA LEU B 114 -0.44 12.06 -8.75
C LEU B 114 -1.31 11.41 -9.82
N GLY B 115 -1.08 11.81 -11.06
CA GLY B 115 -1.93 11.38 -12.14
C GLY B 115 -1.57 11.93 -13.49
N GLY B 116 -2.33 11.54 -14.49
CA GLY B 116 -2.00 11.94 -15.84
C GLY B 116 -2.67 13.25 -16.28
N GLU B 117 -2.45 13.61 -17.55
CA GLU B 117 -2.96 14.86 -18.10
C GLU B 117 -4.51 14.87 -18.09
N GLY B 118 -5.14 13.73 -18.33
CA GLY B 118 -6.59 13.66 -18.32
C GLY B 118 -7.18 13.99 -16.96
N LEU B 119 -6.58 13.48 -15.89
CA LEU B 119 -7.09 13.77 -14.57
C LEU B 119 -6.87 15.24 -14.20
N ARG B 120 -5.68 15.73 -14.52
CA ARG B 120 -5.40 17.13 -14.33
C ARG B 120 -6.43 17.97 -15.11
N ALA B 121 -6.72 17.59 -16.35
CA ALA B 121 -7.58 18.44 -17.18
C ALA B 121 -8.99 18.47 -16.60
N GLU B 122 -9.38 17.37 -15.96
CA GLU B 122 -10.72 17.28 -15.37
C GLU B 122 -10.81 18.24 -14.16
N LEU B 123 -9.76 18.30 -13.37
CA LEU B 123 -9.74 19.22 -12.23
C LEU B 123 -9.70 20.69 -12.71
N ARG B 124 -8.92 21.00 -13.75
CA ARG B 124 -8.86 22.39 -14.17
C ARG B 124 -10.26 22.81 -14.70
N ALA B 125 -10.93 21.90 -15.41
CA ALA B 125 -12.24 22.17 -15.95
C ALA B 125 -13.27 22.49 -14.86
N ALA B 126 -13.10 21.93 -13.68
CA ALA B 126 -13.98 22.24 -12.58
C ALA B 126 -13.60 23.56 -11.92
N GLY B 127 -12.50 24.19 -12.36
CA GLY B 127 -12.03 25.42 -11.74
C GLY B 127 -11.00 25.28 -10.61
N LEU B 128 -10.48 24.08 -10.37
CA LEU B 128 -9.43 23.88 -9.37
C LEU B 128 -8.07 24.23 -9.95
N ARG B 129 -7.21 24.82 -9.13
CA ARG B 129 -5.81 25.07 -9.47
C ARG B 129 -4.91 23.90 -9.06
N LEU B 130 -3.86 23.62 -9.84
CA LEU B 130 -2.97 22.49 -9.62
C LEU B 130 -1.56 22.95 -9.19
N ALA B 131 -1.03 22.28 -8.16
CA ALA B 131 0.38 22.46 -7.83
C ALA B 131 1.18 22.14 -9.09
N GLY B 132 2.21 22.89 -9.40
CA GLY B 132 2.94 22.53 -10.61
C GLY B 132 2.44 23.18 -11.90
N ASP B 133 1.30 23.88 -11.87
CA ASP B 133 0.96 24.73 -13.00
C ASP B 133 1.74 26.03 -12.88
N PRO B 134 1.75 26.82 -13.97
CA PRO B 134 2.54 28.07 -13.99
C PRO B 134 2.14 29.09 -12.94
N GLY B 135 3.09 29.89 -12.51
CA GLY B 135 2.78 30.97 -11.62
C GLY B 135 2.88 30.61 -10.15
N GLU B 136 2.00 31.27 -9.40
CA GLU B 136 1.94 31.20 -7.95
C GLU B 136 1.82 29.76 -7.48
N ASP B 137 2.59 29.47 -6.44
CA ASP B 137 2.51 28.22 -5.71
C ASP B 137 1.51 28.42 -4.60
N PRO B 138 0.24 28.08 -4.81
CA PRO B 138 -0.50 28.34 -3.57
C PRO B 138 -0.33 27.21 -2.56
N ARG B 139 -0.91 27.41 -1.38
CA ARG B 139 -0.97 26.37 -0.38
C ARG B 139 -1.56 25.11 -1.04
N VAL B 140 -0.90 23.97 -0.91
CA VAL B 140 -1.52 22.75 -1.34
C VAL B 140 -2.56 22.31 -0.33
N ARG B 141 -3.82 22.20 -0.77
CA ARG B 141 -4.87 21.89 0.17
C ARG B 141 -5.40 20.49 0.01
N ALA B 142 -4.95 19.81 -1.03
CA ALA B 142 -5.32 18.43 -1.19
C ALA B 142 -4.31 17.67 -2.06
N VAL B 143 -4.15 16.41 -1.73
CA VAL B 143 -3.45 15.49 -2.60
C VAL B 143 -4.49 14.57 -3.22
N LEU B 144 -4.49 14.48 -4.55
CA LEU B 144 -5.32 13.53 -5.29
C LEU B 144 -4.43 12.40 -5.88
N VAL B 145 -4.77 11.15 -5.57
CA VAL B 145 -4.09 9.99 -6.13
C VAL B 145 -4.97 9.36 -7.21
N GLY B 146 -4.45 9.30 -8.43
CA GLY B 146 -5.14 8.68 -9.55
C GLY B 146 -4.23 7.68 -10.24
N TYR B 147 -4.58 7.28 -11.46
CA TYR B 147 -3.75 6.31 -12.17
C TYR B 147 -2.52 7.09 -12.68
N ASP B 148 -1.35 6.80 -12.08
CA ASP B 148 -0.18 7.65 -12.22
C ASP B 148 1.07 6.90 -12.69
N GLU B 149 1.22 6.84 -13.99
CA GLU B 149 2.31 6.11 -14.60
C GLU B 149 3.62 6.85 -14.37
N GLN B 150 3.55 8.08 -13.87
CA GLN B 150 4.78 8.78 -13.49
C GLN B 150 5.03 8.63 -11.99
N PHE B 151 4.31 7.71 -11.34
CA PHE B 151 4.50 7.55 -9.89
C PHE B 151 5.93 7.24 -9.58
N SER B 152 6.47 7.86 -8.56
CA SER B 152 7.89 7.64 -8.23
C SER B 152 8.09 7.87 -6.76
N PHE B 153 9.24 7.44 -6.25
CA PHE B 153 9.55 7.65 -4.85
C PHE B 153 9.61 9.15 -4.51
N SER B 154 10.22 9.97 -5.37
CA SER B 154 10.27 11.39 -5.06
C SER B 154 8.88 12.03 -5.08
N ARG B 155 8.02 11.58 -5.97
CA ARG B 155 6.66 12.13 -6.01
C ARG B 155 5.84 11.64 -4.82
N LEU B 156 6.12 10.41 -4.35
CA LEU B 156 5.52 9.90 -3.11
C LEU B 156 5.94 10.77 -1.92
N THR B 157 7.23 11.06 -1.86
CA THR B 157 7.81 11.85 -0.80
C THR B 157 7.15 13.28 -0.74
N GLU B 158 6.93 13.88 -1.90
CA GLU B 158 6.38 15.21 -1.98
C GLU B 158 4.90 15.17 -1.54
N ALA B 159 4.15 14.16 -1.98
CA ALA B 159 2.78 13.98 -1.50
C ALA B 159 2.71 13.95 0.03
N CYS B 160 3.58 13.13 0.66
CA CYS B 160 3.61 13.03 2.10
C CYS B 160 3.97 14.34 2.77
N ALA B 161 4.89 15.09 2.19
CA ALA B 161 5.23 16.38 2.74
C ALA B 161 3.95 17.25 2.81
N HIS B 162 3.20 17.34 1.72
CA HIS B 162 1.95 18.16 1.74
C HIS B 162 0.96 17.64 2.77
N LEU B 163 0.92 16.33 2.94
CA LEU B 163 0.00 15.70 3.89
C LEU B 163 0.42 15.85 5.38
N ARG B 164 1.65 16.30 5.65
CA ARG B 164 2.04 16.62 7.04
C ARG B 164 1.07 17.67 7.63
N ASP B 165 0.61 18.60 6.79
CA ASP B 165 -0.46 19.52 7.18
C ASP B 165 -1.76 18.73 7.33
N PRO B 166 -2.29 18.66 8.56
CA PRO B 166 -3.52 17.89 8.77
C PRO B 166 -4.72 18.42 7.99
N ASP B 167 -4.78 19.70 7.66
CA ASP B 167 -5.91 20.20 6.91
C ASP B 167 -5.84 19.85 5.44
N CYS B 168 -4.68 19.37 4.97
CA CYS B 168 -4.56 18.97 3.59
C CYS B 168 -5.34 17.67 3.42
N LEU B 169 -6.27 17.65 2.47
CA LEU B 169 -7.09 16.47 2.22
C LEU B 169 -6.32 15.43 1.46
N LEU B 170 -6.71 14.17 1.66
CA LEU B 170 -6.26 13.08 0.81
C LEU B 170 -7.44 12.43 0.08
N VAL B 171 -7.39 12.45 -1.25
CA VAL B 171 -8.47 11.86 -2.05
C VAL B 171 -7.91 10.87 -3.04
N ALA B 172 -8.58 9.73 -3.24
CA ALA B 172 -8.16 8.83 -4.29
C ALA B 172 -9.29 8.64 -5.30
N THR B 173 -8.96 8.53 -6.58
CA THR B 173 -9.98 8.32 -7.59
C THR B 173 -10.66 6.99 -7.42
N ASP B 174 -9.91 5.95 -7.04
CA ASP B 174 -10.50 4.62 -6.87
C ASP B 174 -9.50 3.71 -6.19
N ARG B 175 -9.93 2.52 -5.80
CA ARG B 175 -9.01 1.54 -5.24
C ARG B 175 -8.88 0.34 -6.15
N ASP B 176 -9.14 0.43 -7.43
CA ASP B 176 -8.96 -0.75 -8.25
C ASP B 176 -7.49 -1.14 -8.16
N PRO B 177 -7.20 -2.42 -7.84
CA PRO B 177 -5.82 -2.77 -7.52
C PRO B 177 -4.88 -2.97 -8.72
N TRP B 178 -5.45 -3.32 -9.86
CA TRP B 178 -4.69 -3.63 -11.05
C TRP B 178 -5.64 -3.77 -12.20
N HIS B 179 -5.12 -3.70 -13.42
CA HIS B 179 -5.92 -3.85 -14.62
C HIS B 179 -5.21 -4.67 -15.70
N PRO B 180 -5.97 -5.49 -16.43
CA PRO B 180 -5.49 -6.31 -17.54
C PRO B 180 -5.19 -5.50 -18.79
N LEU B 181 -4.14 -5.88 -19.49
CA LEU B 181 -3.81 -5.25 -20.75
C LEU B 181 -4.02 -6.29 -21.84
N SER B 182 -4.16 -5.83 -23.08
CA SER B 182 -4.53 -6.73 -24.14
C SER B 182 -3.43 -7.79 -24.36
N ASP B 183 -2.18 -7.47 -23.99
CA ASP B 183 -1.10 -8.48 -24.14
C ASP B 183 -1.12 -9.57 -23.04
N GLY B 184 -2.12 -9.53 -22.16
CA GLY B 184 -2.18 -10.45 -21.03
C GLY B 184 -1.44 -10.01 -19.77
N SER B 185 -0.61 -8.97 -19.85
CA SER B 185 0.07 -8.49 -18.65
C SER B 185 -0.86 -7.57 -17.81
N ARG B 186 -0.38 -7.06 -16.69
CA ARG B 186 -1.22 -6.21 -15.87
C ARG B 186 -0.53 -4.90 -15.58
N THR B 187 -1.32 -3.89 -15.27
CA THR B 187 -0.74 -2.64 -14.84
C THR B 187 -1.31 -2.36 -13.48
N PRO B 188 -0.47 -1.85 -12.55
CA PRO B 188 -0.96 -1.54 -11.20
C PRO B 188 -2.07 -0.49 -11.25
N GLY B 189 -3.08 -0.66 -10.43
CA GLY B 189 -4.18 0.28 -10.34
C GLY B 189 -3.95 1.33 -9.26
N THR B 190 -4.82 2.34 -9.30
CA THR B 190 -4.78 3.44 -8.37
C THR B 190 -4.81 2.97 -6.91
N GLY B 191 -5.52 1.89 -6.66
CA GLY B 191 -5.55 1.35 -5.32
C GLY B 191 -4.17 1.00 -4.80
N SER B 192 -3.25 0.57 -5.65
CA SER B 192 -1.95 0.23 -5.17
C SER B 192 -1.18 1.54 -4.86
N LEU B 193 -1.40 2.58 -5.65
CA LEU B 193 -0.70 3.83 -5.40
C LEU B 193 -1.29 4.47 -4.18
N ALA B 194 -2.60 4.36 -4.06
CA ALA B 194 -3.27 4.96 -2.93
C ALA B 194 -2.77 4.28 -1.66
N ALA B 195 -2.53 2.97 -1.70
CA ALA B 195 -2.10 2.27 -0.51
C ALA B 195 -0.73 2.78 -0.04
N ALA B 196 0.15 3.05 -0.99
CA ALA B 196 1.48 3.56 -0.68
C ALA B 196 1.33 4.94 -0.03
N VAL B 197 0.53 5.82 -0.64
CA VAL B 197 0.37 7.18 -0.11
C VAL B 197 -0.25 7.17 1.28
N GLU B 198 -1.28 6.35 1.47
CA GLU B 198 -1.91 6.24 2.77
C GLU B 198 -0.95 5.74 3.83
N THR B 199 -0.14 4.74 3.48
CA THR B 199 0.72 4.13 4.49
C THR B 199 1.84 5.12 4.88
N ALA B 200 2.45 5.75 3.86
CA ALA B 200 3.58 6.68 4.10
C ALA B 200 3.10 7.95 4.82
N SER B 201 1.88 8.37 4.59
CA SER B 201 1.39 9.60 5.21
C SER B 201 0.65 9.29 6.51
N GLY B 202 0.39 8.02 6.79
CA GLY B 202 -0.48 7.69 7.90
C GLY B 202 -1.93 8.26 7.79
N ARG B 203 -2.44 8.47 6.58
CA ARG B 203 -3.80 8.98 6.42
C ARG B 203 -4.69 7.94 5.76
N GLN B 204 -6.01 8.11 5.92
CA GLN B 204 -7.02 7.38 5.14
C GLN B 204 -7.53 8.27 4.02
N ALA B 205 -7.57 7.77 2.80
CA ALA B 205 -8.05 8.54 1.67
C ALA B 205 -9.58 8.55 1.59
N LEU B 206 -10.15 9.68 1.15
CA LEU B 206 -11.53 9.73 0.71
C LEU B 206 -11.56 9.13 -0.70
N VAL B 207 -12.27 8.04 -0.90
CA VAL B 207 -12.26 7.36 -2.19
C VAL B 207 -13.54 7.73 -2.93
N VAL B 208 -13.39 8.22 -4.16
CA VAL B 208 -14.52 8.74 -4.98
C VAL B 208 -15.23 7.66 -5.86
N GLY B 209 -14.47 6.75 -6.45
CA GLY B 209 -15.00 5.78 -7.40
C GLY B 209 -15.74 4.58 -6.85
N LYS B 210 -16.36 3.82 -7.74
CA LYS B 210 -16.99 2.55 -7.37
C LYS B 210 -15.95 1.77 -6.60
N PRO B 211 -16.36 1.14 -5.50
CA PRO B 211 -17.73 0.95 -4.99
C PRO B 211 -18.23 2.02 -4.02
N SER B 212 -17.51 3.14 -3.92
CA SER B 212 -17.95 4.17 -3.02
C SER B 212 -19.30 4.75 -3.45
N PRO B 213 -20.18 5.03 -2.49
CA PRO B 213 -21.46 5.63 -2.88
C PRO B 213 -21.26 7.00 -3.53
N TYR B 214 -20.11 7.65 -3.29
CA TYR B 214 -19.96 9.01 -3.80
C TYR B 214 -20.15 9.05 -5.31
N MET B 215 -19.68 8.02 -5.97
CA MET B 215 -19.82 7.94 -7.39
C MET B 215 -21.30 8.08 -7.76
N PHE B 216 -22.17 7.52 -6.94
CA PHE B 216 -23.62 7.57 -7.24
C PHE B 216 -24.19 8.96 -6.93
N GLN B 217 -23.72 9.60 -5.86
CA GLN B 217 -24.22 10.95 -5.58
C GLN B 217 -23.93 11.83 -6.78
N CYS B 218 -22.68 11.78 -7.21
CA CYS B 218 -22.16 12.58 -8.28
C CYS B 218 -23.12 12.44 -9.48
N ILE B 219 -23.54 11.20 -9.74
CA ILE B 219 -24.51 10.94 -10.81
C ILE B 219 -25.90 11.49 -10.53
N THR B 220 -26.39 11.36 -9.30
CA THR B 220 -27.77 11.76 -9.04
C THR B 220 -27.92 13.27 -8.93
N GLU B 221 -26.81 14.00 -8.81
CA GLU B 221 -26.87 15.46 -8.88
C GLU B 221 -27.33 15.88 -10.28
N ASP B 222 -27.08 15.06 -11.29
CA ASP B 222 -27.32 15.44 -12.68
C ASP B 222 -28.52 14.74 -13.28
N PHE B 223 -28.80 13.52 -12.81
CA PHE B 223 -29.95 12.79 -13.35
C PHE B 223 -30.72 12.20 -12.16
N SER B 224 -32.01 12.04 -12.36
CA SER B 224 -32.81 11.29 -11.42
C SER B 224 -32.66 9.82 -11.76
N VAL B 225 -32.18 9.06 -10.79
CA VAL B 225 -31.96 7.65 -11.01
C VAL B 225 -32.70 6.90 -9.95
N ASP B 226 -33.59 6.02 -10.39
CA ASP B 226 -34.29 5.14 -9.47
C ASP B 226 -33.48 3.86 -9.37
N PRO B 227 -32.77 3.65 -8.25
CA PRO B 227 -31.88 2.48 -8.22
C PRO B 227 -32.65 1.18 -8.46
N ALA B 228 -33.87 1.11 -7.94
CA ALA B 228 -34.77 -0.03 -8.13
C ALA B 228 -35.05 -0.45 -9.58
N ARG B 229 -35.04 0.52 -10.50
CA ARG B 229 -35.35 0.22 -11.90
C ARG B 229 -34.12 0.45 -12.77
N THR B 230 -32.95 0.32 -12.17
CA THR B 230 -31.72 0.54 -12.89
C THR B 230 -30.91 -0.75 -12.88
N LEU B 231 -30.37 -1.10 -14.04
CA LEU B 231 -29.38 -2.16 -14.09
C LEU B 231 -28.00 -1.56 -14.05
N MET B 232 -27.16 -2.16 -13.20
CA MET B 232 -25.76 -1.80 -13.11
C MET B 232 -24.99 -2.92 -13.78
N VAL B 233 -24.24 -2.61 -14.82
CA VAL B 233 -23.61 -3.67 -15.56
C VAL B 233 -22.13 -3.47 -15.52
N GLY B 234 -21.42 -4.51 -15.11
CA GLY B 234 -19.97 -4.41 -14.99
C GLY B 234 -19.28 -5.74 -15.03
N ASP B 235 -17.97 -5.72 -15.22
CA ASP B 235 -17.21 -6.95 -15.31
C ASP B 235 -16.46 -7.28 -14.03
N ARG B 236 -16.50 -6.38 -13.05
CA ARG B 236 -15.67 -6.54 -11.87
C ARG B 236 -16.49 -6.59 -10.57
N LEU B 237 -16.40 -7.72 -9.86
CA LEU B 237 -17.31 -8.07 -8.77
C LEU B 237 -17.20 -7.07 -7.63
N GLU B 238 -15.95 -6.75 -7.27
CA GLU B 238 -15.60 -5.95 -6.08
C GLU B 238 -15.73 -4.43 -6.32
N THR B 239 -15.84 -4.01 -7.58
CA THR B 239 -16.09 -2.60 -7.84
C THR B 239 -17.50 -2.37 -8.36
N ASP B 240 -17.87 -3.01 -9.47
CA ASP B 240 -19.18 -2.78 -10.10
C ASP B 240 -20.36 -3.42 -9.36
N ILE B 241 -20.26 -4.70 -9.05
CA ILE B 241 -21.38 -5.41 -8.43
C ILE B 241 -21.63 -4.88 -7.01
N LEU B 242 -20.54 -4.80 -6.24
CA LEU B 242 -20.58 -4.25 -4.89
C LEU B 242 -21.20 -2.85 -4.89
N PHE B 243 -20.75 -1.99 -5.82
CA PHE B 243 -21.31 -0.65 -5.99
C PHE B 243 -22.81 -0.75 -6.22
N GLY B 244 -23.19 -1.61 -7.15
CA GLY B 244 -24.58 -1.77 -7.47
C GLY B 244 -25.39 -2.19 -6.24
N HIS B 245 -24.87 -3.14 -5.47
CA HIS B 245 -25.63 -3.58 -4.28
C HIS B 245 -25.78 -2.43 -3.30
N ARG B 246 -24.71 -1.69 -3.07
CA ARG B 246 -24.73 -0.59 -2.12
C ARG B 246 -25.71 0.49 -2.49
N CYS B 247 -25.88 0.72 -3.79
CA CYS B 247 -26.81 1.73 -4.28
C CYS B 247 -28.22 1.21 -4.41
N GLY B 248 -28.41 -0.09 -4.18
CA GLY B 248 -29.74 -0.67 -4.24
C GLY B 248 -30.19 -0.93 -5.66
N MET B 249 -29.27 -1.16 -6.56
CA MET B 249 -29.57 -1.41 -7.96
C MET B 249 -29.57 -2.90 -8.25
N THR B 250 -30.10 -3.25 -9.41
CA THR B 250 -30.03 -4.61 -9.86
C THR B 250 -28.71 -4.81 -10.60
N THR B 251 -28.08 -5.96 -10.44
CA THR B 251 -26.67 -6.05 -10.84
C THR B 251 -26.47 -7.13 -11.87
N VAL B 252 -25.65 -6.83 -12.87
CA VAL B 252 -25.43 -7.81 -13.91
C VAL B 252 -23.93 -7.94 -14.14
N LEU B 253 -23.39 -9.12 -13.93
CA LEU B 253 -22.01 -9.40 -14.28
C LEU B 253 -21.94 -9.86 -15.74
N THR B 254 -21.04 -9.23 -16.51
CA THR B 254 -20.74 -9.69 -17.86
C THR B 254 -19.36 -10.33 -17.81
N LEU B 255 -19.14 -11.34 -18.65
CA LEU B 255 -17.94 -12.19 -18.55
C LEU B 255 -16.82 -11.80 -19.49
N THR B 256 -16.96 -10.67 -20.17
CA THR B 256 -15.95 -10.21 -21.13
C THR B 256 -14.75 -9.51 -20.46
N GLY B 257 -14.77 -9.40 -19.15
CA GLY B 257 -13.78 -8.57 -18.48
C GLY B 257 -13.03 -9.28 -17.37
N VAL B 258 -12.83 -8.58 -16.25
CA VAL B 258 -11.94 -9.05 -15.19
C VAL B 258 -12.40 -10.29 -14.41
N SER B 259 -13.64 -10.32 -13.96
CA SER B 259 -14.12 -11.40 -13.11
C SER B 259 -14.68 -12.59 -13.85
N SER B 260 -14.54 -13.78 -13.25
CA SER B 260 -15.10 -14.98 -13.85
C SER B 260 -16.33 -15.36 -13.12
N LEU B 261 -17.15 -16.14 -13.80
CA LEU B 261 -18.34 -16.72 -13.22
C LEU B 261 -18.02 -17.51 -11.95
N GLU B 262 -16.87 -18.20 -11.90
CA GLU B 262 -16.54 -18.97 -10.69
C GLU B 262 -16.15 -18.10 -9.51
N GLU B 263 -15.56 -16.94 -9.76
CA GLU B 263 -15.25 -16.05 -8.66
C GLU B 263 -16.55 -15.61 -7.99
N ALA B 264 -17.56 -15.35 -8.81
CA ALA B 264 -18.88 -14.96 -8.32
C ALA B 264 -19.50 -16.11 -7.51
N GLN B 265 -19.39 -17.33 -8.04
CA GLN B 265 -20.03 -18.46 -7.37
C GLN B 265 -19.33 -18.69 -6.03
N ALA B 266 -18.04 -18.42 -5.99
CA ALA B 266 -17.23 -18.59 -4.79
C ALA B 266 -17.65 -17.63 -3.68
N TYR B 267 -17.97 -16.41 -4.07
CA TYR B 267 -18.51 -15.44 -3.13
C TYR B 267 -19.88 -15.90 -2.62
N LEU B 268 -20.66 -16.49 -3.50
CA LEU B 268 -22.01 -16.92 -3.14
C LEU B 268 -21.93 -18.02 -2.08
N THR B 269 -21.14 -19.06 -2.37
CA THR B 269 -20.94 -20.16 -1.45
C THR B 269 -20.29 -19.67 -0.15
N ALA B 270 -19.61 -18.54 -0.20
CA ALA B 270 -19.03 -17.95 1.01
C ALA B 270 -20.02 -16.99 1.69
N GLY B 271 -21.21 -16.85 1.13
CA GLY B 271 -22.21 -15.96 1.71
C GLY B 271 -21.86 -14.47 1.73
N GLN B 272 -20.96 -14.04 0.86
CA GLN B 272 -20.71 -12.61 0.72
C GLN B 272 -21.62 -12.04 -0.36
N ARG B 273 -22.83 -11.70 0.06
CA ARG B 273 -23.92 -11.40 -0.85
C ARG B 273 -23.72 -10.08 -1.60
N ASP B 274 -22.96 -9.16 -1.03
CA ASP B 274 -22.71 -7.87 -1.67
C ASP B 274 -21.80 -7.99 -2.90
N LEU B 275 -21.22 -9.16 -3.10
CA LEU B 275 -20.27 -9.38 -4.18
C LEU B 275 -20.79 -10.40 -5.17
N VAL B 276 -22.05 -10.75 -4.99
CA VAL B 276 -22.71 -11.72 -5.84
C VAL B 276 -23.68 -10.95 -6.72
N PRO B 277 -23.54 -11.06 -8.04
CA PRO B 277 -24.47 -10.42 -8.95
C PRO B 277 -25.81 -11.16 -8.96
N HIS B 278 -26.88 -10.42 -9.23
CA HIS B 278 -28.18 -11.01 -9.47
C HIS B 278 -28.15 -11.88 -10.72
N TYR B 279 -27.63 -11.31 -11.79
CA TYR B 279 -27.57 -11.97 -13.09
C TYR B 279 -26.19 -11.96 -13.72
N TYR B 280 -25.97 -12.86 -14.68
CA TYR B 280 -24.76 -12.80 -15.47
C TYR B 280 -25.11 -13.02 -16.93
N VAL B 281 -24.27 -12.50 -17.82
CA VAL B 281 -24.31 -12.82 -19.25
C VAL B 281 -22.90 -13.13 -19.76
N GLU B 282 -22.79 -13.88 -20.84
CA GLU B 282 -21.47 -14.15 -21.40
C GLU B 282 -20.93 -12.81 -21.94
N SER B 283 -21.82 -12.02 -22.55
CA SER B 283 -21.51 -10.73 -23.15
C SER B 283 -22.74 -9.81 -23.07
N ILE B 284 -22.53 -8.49 -23.10
CA ILE B 284 -23.67 -7.58 -23.06
C ILE B 284 -24.44 -7.65 -24.36
N ALA B 285 -23.87 -8.28 -25.38
CA ALA B 285 -24.63 -8.57 -26.58
C ALA B 285 -25.85 -9.44 -26.24
N ASP B 286 -25.69 -10.37 -25.31
CA ASP B 286 -26.80 -11.23 -24.91
C ASP B 286 -28.01 -10.44 -24.40
N LEU B 287 -27.83 -9.21 -23.93
CA LEU B 287 -29.00 -8.47 -23.45
C LEU B 287 -29.98 -8.14 -24.58
N MET B 288 -29.50 -8.07 -25.82
CA MET B 288 -30.34 -7.64 -26.95
C MET B 288 -31.55 -8.51 -27.24
N GLU B 289 -31.47 -9.79 -26.91
CA GLU B 289 -32.56 -10.72 -27.18
C GLU B 289 -33.82 -10.31 -26.39
N GLY B 290 -33.67 -9.35 -25.48
CA GLY B 290 -34.79 -8.81 -24.74
C GLY B 290 -35.43 -7.56 -25.32
N LEU B 291 -35.04 -7.15 -26.52
CA LEU B 291 -35.54 -5.89 -27.09
C LEU B 291 -36.21 -6.01 -28.48
MG MG C . 14.52 2.96 15.59
BE BEF D . 15.84 0.68 14.05
F1 BEF D . 15.23 2.11 14.04
F2 BEF D . 15.14 -0.21 13.01
F3 BEF D . 17.30 0.76 13.60
C1 GOL E . 15.36 2.28 5.09
O1 GOL E . 16.52 1.57 4.75
C2 GOL E . 15.44 2.69 6.55
O2 GOL E . 14.33 2.12 7.22
C3 GOL E . 15.57 4.20 6.58
O3 GOL E . 16.74 4.49 5.84
H11 GOL E . 14.48 1.67 4.92
H12 GOL E . 15.28 3.18 4.46
HO1 GOL E . 17.24 1.80 5.37
H2 GOL E . 16.36 2.27 6.96
HO2 GOL E . 13.50 2.45 6.81
H31 GOL E . 15.67 4.56 7.60
H32 GOL E . 14.71 4.67 6.12
HO3 GOL E . 16.86 5.46 5.76
C1 GOL F . 21.52 7.58 8.14
O1 GOL F . 21.52 8.99 7.98
C2 GOL F . 20.34 6.97 8.93
O2 GOL F . 19.36 7.87 9.45
C3 GOL F . 20.88 6.17 10.10
O3 GOL F . 20.97 4.82 9.68
H11 GOL F . 22.45 7.30 8.64
H12 GOL F . 21.54 7.13 7.15
HO1 GOL F . 21.03 9.23 7.16
H2 GOL F . 19.84 6.27 8.26
HO2 GOL F . 19.77 8.50 10.06
H31 GOL F . 20.22 6.26 10.96
H32 GOL F . 21.88 6.53 10.38
HO3 GOL F . 21.37 4.28 10.40
MG MG G . -14.63 -2.80 -15.83
BE BEF H . -14.96 0.35 -15.68
F1 BEF H . -14.60 1.04 -14.33
F2 BEF H . -14.73 1.31 -16.89
F3 BEF H . -14.08 -0.89 -15.83
C1 GOL I . -5.92 2.42 -16.16
O1 GOL I . -6.72 2.27 -17.29
C2 GOL I . -6.73 3.05 -15.04
O2 GOL I . -7.03 4.42 -15.28
C3 GOL I . -7.99 2.23 -14.77
O3 GOL I . -8.55 2.72 -13.57
H11 GOL I . -5.06 3.05 -16.40
H12 GOL I . -5.54 1.44 -15.85
HO1 GOL I . -6.82 1.32 -17.49
H2 GOL I . -6.11 3.00 -14.14
HO2 GOL I . -6.19 4.93 -15.38
H31 GOL I . -7.74 1.18 -14.67
H32 GOL I . -8.70 2.36 -15.59
HO3 GOL I . -9.40 2.27 -13.40
#